data_3UOB
#
_entry.id   3UOB
#
_cell.length_a   163.418
_cell.length_b   163.418
_cell.length_c   54.701
_cell.angle_alpha   90.00
_cell.angle_beta   90.00
_cell.angle_gamma   120.00
#
_symmetry.space_group_name_H-M   'P 65'
#
loop_
_entity.id
_entity.type
_entity.pdbx_description
1 polymer "5'-D(*CP*AP*GP*CP*TP*CP*TP*GP*TP*AP*CP*GP*TP*GP*AP*GP*CP*AP*GP*TP*GP*GP*A)-3'"
2 polymer "5'-D(*CP*CP*AP*CP*TP*GP*CP*TP*CP*AP*(1FC)P*GP*TP*AP*CP*AP*GP*AP*GP*CP*TP*GP*T)-3'"
3 polymer 'G/T mismatch-specific thymine DNA glycosylase'
#
loop_
_entity_poly.entity_id
_entity_poly.type
_entity_poly.pdbx_seq_one_letter_code
_entity_poly.pdbx_strand_id
1 'polydeoxyribonucleotide'
;(DC)(DA)(DG)(DC)(DT)(DC)(DT)(DG)(DT)(DA)(DC)(DG)(DT)(DG)(DA)(DG)(DC)(DA)(DG)(DT)
(DG)(DG)(DA)
;
C
2 'polydeoxyribonucleotide'
;(DC)(DC)(DA)(DC)(DT)(DG)(DC)(DT)(DC)(DA)(1FC)(DG)(DT)(DA)(DC)(DA)(DG)(DA)(DG)
(DC)(DT)(DG)(DT)
;
D
3 'polypeptide(L)'
;SNAFNGVSEAELLTKTLPDILTFNLDIVIIGINPGLMAAYKGHHYPGPGNHFWKCLFMSGLSEVQLNHMDDHTLPGKYGI
GFTNMVERTTPGSKDLSSKEFREGGRILVQKLQKYQPRIAVFNGKCIYEIFSKEVFGVKVKNLEFGLQPHKIPDTETLCY
VMPSSSARCAQFPRAQDKVHYYIKLKDLRDQLKGIERNMDV
;
A,B
#
loop_
_chem_comp.id
_chem_comp.type
_chem_comp.name
_chem_comp.formula
1FC DNA linking '4-amino-1-(2-deoxy-2-fluoro-5-O-phosphono-beta-D-arabinofuranosyl)-2-oxo-1,2-dihydropyrimidine-5-carboxylic acid' 'C10 H13 F N3 O9 P'
DA DNA linking 2'-DEOXYADENOSINE-5'-MONOPHOSPHATE 'C10 H14 N5 O6 P'
DC DNA linking 2'-DEOXYCYTIDINE-5'-MONOPHOSPHATE 'C9 H14 N3 O7 P'
DG DNA linking 2'-DEOXYGUANOSINE-5'-MONOPHOSPHATE 'C10 H14 N5 O7 P'
DT DNA linking THYMIDINE-5'-MONOPHOSPHATE 'C10 H15 N2 O8 P'
#
# COMPACT_ATOMS: atom_id res chain seq x y z
F24 1FC B 11 8.45 9.09 1.80
C2' 1FC B 11 8.39 7.88 1.13
C3' 1FC B 11 8.08 6.62 1.98
O3' 1FC B 11 9.05 5.56 1.94
C4' 1FC B 11 6.86 5.96 1.36
C5' 1FC B 11 5.87 5.54 2.43
O5' 1FC B 11 4.53 5.68 1.98
P 1FC B 11 3.24 6.06 3.01
OP2 1FC B 11 3.05 7.58 3.54
OP1 1FC B 11 1.83 5.39 2.52
C1' 1FC B 11 7.29 7.85 0.09
O4' 1FC B 11 6.27 6.92 0.48
N1 1FC B 11 6.71 9.06 -0.55
C6 1FC B 11 5.39 9.26 -0.61
C5 1FC B 11 4.82 10.34 -1.29
C21 1FC B 11 3.31 10.53 -1.26
O23 1FC B 11 2.71 11.27 -2.08
O22 1FC B 11 2.66 9.91 -0.37
C4 1FC B 11 5.70 11.18 -1.97
N4 1FC B 11 5.31 12.26 -2.67
N3 1FC B 11 7.02 10.95 -1.96
C2 1FC B 11 7.55 9.91 -1.29
O2 1FC B 11 8.78 9.71 -1.28
N THR C 16 3.10 7.74 -12.43
CA THR C 16 1.83 7.42 -11.79
C THR C 16 1.28 8.58 -10.95
N LEU C 17 2.20 9.31 -10.28
CA LEU C 17 1.82 10.47 -9.42
C LEU C 17 2.35 11.81 -9.97
N PRO C 18 1.56 12.72 -10.54
CA PRO C 18 1.99 13.81 -11.38
C PRO C 18 2.75 14.88 -10.57
N ASP C 19 3.19 15.96 -11.22
CA ASP C 19 3.90 17.03 -10.56
C ASP C 19 2.97 18.18 -10.36
N ILE C 20 3.14 18.96 -9.31
CA ILE C 20 2.28 20.08 -9.09
C ILE C 20 3.10 21.36 -9.05
N LEU C 21 4.02 21.49 -10.02
CA LEU C 21 4.91 22.64 -10.22
C LEU C 21 4.30 23.82 -11.01
N THR C 22 4.57 25.07 -10.55
CA THR C 22 4.43 26.31 -11.31
C THR C 22 5.75 27.11 -11.38
N PHE C 23 5.83 28.18 -12.18
CA PHE C 23 6.99 29.09 -12.17
C PHE C 23 6.93 29.99 -10.93
N ASN C 24 8.10 30.43 -10.42
CA ASN C 24 8.20 31.33 -9.24
C ASN C 24 7.66 30.74 -7.92
N LEU C 25 7.80 29.46 -7.76
CA LEU C 25 7.59 28.82 -6.48
C LEU C 25 8.64 29.19 -5.46
N ASP C 26 8.23 29.39 -4.22
CA ASP C 26 9.21 29.47 -3.17
C ASP C 26 9.78 28.09 -2.83
N ILE C 27 8.92 27.10 -2.65
CA ILE C 27 9.38 25.79 -2.18
C ILE C 27 8.89 24.69 -3.09
N VAL C 28 9.73 23.71 -3.35
CA VAL C 28 9.29 22.55 -4.07
C VAL C 28 9.69 21.31 -3.33
N ILE C 29 8.74 20.44 -3.03
CA ILE C 29 9.02 19.33 -2.17
C ILE C 29 9.26 18.08 -2.90
N ILE C 30 10.36 17.41 -2.62
CA ILE C 30 10.79 16.33 -3.42
C ILE C 30 10.69 15.10 -2.60
N GLY C 31 10.04 14.09 -3.11
CA GLY C 31 9.77 12.86 -2.47
C GLY C 31 10.43 11.75 -3.15
N ILE C 32 10.86 10.78 -2.43
CA ILE C 32 11.52 9.66 -2.99
C ILE C 32 10.78 9.06 -4.16
N ASN C 33 9.58 8.59 -3.89
CA ASN C 33 8.69 8.08 -4.91
C ASN C 33 7.34 8.09 -4.30
N PRO C 34 6.28 7.72 -5.03
CA PRO C 34 4.94 7.73 -4.48
C PRO C 34 4.68 6.36 -3.86
N GLY C 35 4.05 6.31 -2.71
CA GLY C 35 3.73 5.05 -2.13
C GLY C 35 2.63 4.41 -2.86
N LEU C 36 2.31 3.17 -2.51
CA LEU C 36 1.15 2.53 -3.04
C LEU C 36 -0.11 3.31 -2.72
N MET C 37 -0.22 3.80 -1.52
CA MET C 37 -1.39 4.58 -1.17
C MET C 37 -1.52 5.84 -2.00
N ALA C 38 -0.39 6.46 -2.32
CA ALA C 38 -0.39 7.68 -3.11
C ALA C 38 -0.68 7.37 -4.54
N ALA C 39 -0.14 6.29 -5.03
CA ALA C 39 -0.48 5.86 -6.36
C ALA C 39 -1.98 5.63 -6.55
N TYR C 40 -2.60 4.83 -5.68
CA TYR C 40 -4.03 4.68 -5.71
C TYR C 40 -4.74 5.98 -5.49
N LYS C 41 -4.45 6.66 -4.42
CA LYS C 41 -5.24 7.80 -4.07
C LYS C 41 -5.08 8.94 -5.03
N GLY C 42 -3.91 9.01 -5.67
CA GLY C 42 -3.59 9.97 -6.70
C GLY C 42 -3.12 11.32 -6.24
N HIS C 43 -3.06 11.55 -4.93
CA HIS C 43 -2.73 12.85 -4.35
C HIS C 43 -1.61 12.70 -3.34
N HIS C 44 -0.90 13.82 -3.22
CA HIS C 44 0.47 13.87 -2.78
C HIS C 44 0.43 13.84 -1.32
N TYR C 45 1.10 12.87 -0.73
CA TYR C 45 1.08 12.65 0.73
C TYR C 45 -0.29 12.41 1.41
N PRO C 46 -0.92 11.26 1.15
CA PRO C 46 -1.95 10.72 2.01
C PRO C 46 -1.34 9.66 2.94
N GLY C 47 -2.10 9.14 3.87
CA GLY C 47 -1.57 8.27 4.86
C GLY C 47 -2.62 8.19 5.93
N PRO C 48 -2.41 8.64 7.19
CA PRO C 48 -1.14 8.71 7.89
C PRO C 48 -0.62 7.29 7.95
N GLY C 49 0.68 7.03 8.08
CA GLY C 49 1.69 7.94 8.57
C GLY C 49 2.32 8.79 7.51
N ASN C 50 1.81 10.00 7.33
CA ASN C 50 2.53 11.05 6.71
C ASN C 50 2.32 12.27 7.52
N HIS C 51 3.42 12.73 8.08
CA HIS C 51 3.36 13.90 8.86
C HIS C 51 3.14 15.13 8.01
N PHE C 52 3.47 15.02 6.73
CA PHE C 52 3.60 16.15 5.88
C PHE C 52 2.52 17.17 6.06
N TRP C 53 1.30 16.75 6.06
CA TRP C 53 0.23 17.70 6.11
C TRP C 53 0.07 18.33 7.44
N LYS C 54 0.33 17.55 8.46
CA LYS C 54 0.16 18.07 9.76
C LYS C 54 1.24 19.06 10.05
N CYS C 55 2.46 18.71 9.65
CA CYS C 55 3.63 19.51 9.92
C CYS C 55 3.52 20.84 9.26
N LEU C 56 3.04 20.83 8.05
CA LEU C 56 2.85 22.04 7.31
C LEU C 56 1.96 23.02 8.07
N PHE C 57 0.84 22.54 8.55
CA PHE C 57 -0.03 23.39 9.30
C PHE C 57 0.56 23.78 10.65
N MET C 58 1.28 22.86 11.24
CA MET C 58 1.85 23.06 12.54
C MET C 58 2.96 24.08 12.45
N SER C 59 3.76 23.95 11.42
CA SER C 59 4.89 24.83 11.20
C SER C 59 4.47 26.24 10.89
N GLY C 60 3.30 26.39 10.37
CA GLY C 60 2.81 27.70 10.10
C GLY C 60 2.83 27.95 8.65
N LEU C 61 3.43 27.00 7.93
CA LEU C 61 3.46 27.09 6.51
C LEU C 61 2.08 27.18 5.90
N SER C 62 1.07 26.59 6.55
CA SER C 62 -0.33 26.89 6.22
C SER C 62 -1.12 27.20 7.46
N GLU C 63 -2.05 28.12 7.36
CA GLU C 63 -2.68 28.64 8.56
C GLU C 63 -3.87 27.80 8.98
N VAL C 64 -4.25 26.88 8.12
CA VAL C 64 -5.28 25.94 8.42
C VAL C 64 -4.71 24.58 8.14
N GLN C 65 -5.33 23.56 8.65
CA GLN C 65 -4.90 22.23 8.38
C GLN C 65 -5.50 21.78 7.08
N LEU C 66 -4.71 21.26 6.16
CA LEU C 66 -5.32 20.68 5.00
C LEU C 66 -4.71 19.36 4.75
N ASN C 67 -4.88 18.86 3.54
CA ASN C 67 -4.61 17.48 3.29
C ASN C 67 -4.46 17.25 1.82
N HIS C 68 -4.26 16.02 1.42
CA HIS C 68 -3.81 15.72 0.12
C HIS C 68 -4.77 16.16 -0.92
N MET C 69 -6.01 16.33 -0.55
CA MET C 69 -7.00 16.82 -1.48
C MET C 69 -6.76 18.26 -1.88
N ASP C 70 -5.94 18.93 -1.12
CA ASP C 70 -5.63 20.29 -1.41
C ASP C 70 -4.27 20.42 -2.09
N ASP C 71 -3.69 19.35 -2.58
CA ASP C 71 -2.33 19.43 -3.03
C ASP C 71 -2.14 20.31 -4.22
N HIS C 72 -3.13 20.41 -5.03
CA HIS C 72 -3.05 21.27 -6.18
C HIS C 72 -3.30 22.73 -5.86
N THR C 73 -3.74 23.06 -4.67
CA THR C 73 -3.93 24.47 -4.37
C THR C 73 -2.66 25.11 -3.86
N LEU C 74 -1.64 24.30 -3.64
CA LEU C 74 -0.51 24.75 -2.86
C LEU C 74 0.40 25.68 -3.62
N PRO C 75 0.90 25.44 -4.84
CA PRO C 75 1.48 26.55 -5.54
C PRO C 75 0.38 27.54 -5.82
N GLY C 76 0.54 28.78 -5.47
CA GLY C 76 -0.46 29.73 -5.88
C GLY C 76 -1.39 30.10 -4.84
N LYS C 77 -1.37 29.39 -3.75
CA LYS C 77 -1.95 29.94 -2.56
C LYS C 77 -0.84 30.11 -1.60
N TYR C 78 0.09 29.19 -1.70
CA TYR C 78 1.19 29.06 -0.80
C TYR C 78 2.54 29.04 -1.53
N GLY C 79 2.53 28.89 -2.83
CA GLY C 79 3.77 28.75 -3.54
C GLY C 79 4.62 27.62 -3.12
N ILE C 80 3.98 26.47 -3.00
CA ILE C 80 4.65 25.23 -2.70
C ILE C 80 4.29 24.21 -3.75
N GLY C 81 5.23 23.63 -4.43
CA GLY C 81 4.93 22.73 -5.48
C GLY C 81 5.35 21.42 -5.07
N PHE C 82 4.81 20.34 -5.57
CA PHE C 82 5.28 19.00 -5.26
C PHE C 82 6.07 18.39 -6.40
N THR C 83 7.02 17.53 -6.12
CA THR C 83 7.52 16.63 -7.12
C THR C 83 8.27 15.50 -6.46
N ASN C 84 8.77 14.58 -7.27
CA ASN C 84 9.25 13.31 -6.76
C ASN C 84 10.38 12.73 -7.57
N MET C 85 11.52 12.59 -6.91
CA MET C 85 12.69 12.00 -7.48
C MET C 85 12.49 10.83 -8.44
N VAL C 86 11.56 9.92 -8.12
CA VAL C 86 11.23 8.74 -8.94
C VAL C 86 9.73 8.55 -9.11
N GLU C 87 9.23 8.54 -10.34
CA GLU C 87 7.79 8.64 -10.59
C GLU C 87 7.00 7.33 -10.34
N ARG C 88 7.72 6.18 -10.39
CA ARG C 88 7.13 4.85 -10.26
C ARG C 88 6.74 4.54 -8.86
N THR C 89 5.77 3.67 -8.68
CA THR C 89 5.34 3.29 -7.37
C THR C 89 6.02 2.06 -6.91
N THR C 90 6.54 2.15 -5.71
CA THR C 90 6.95 1.02 -4.96
C THR C 90 6.39 1.20 -3.59
N PRO C 91 6.46 0.18 -2.75
CA PRO C 91 5.94 -0.04 -1.40
C PRO C 91 6.00 1.13 -0.38
N GLY C 92 7.02 2.14 -0.52
CA GLY C 92 8.33 1.83 -1.07
C GLY C 92 9.20 1.12 -0.11
N SER C 93 10.48 1.44 0.10
CA SER C 93 11.31 2.37 -0.65
C SER C 93 12.64 1.68 -0.82
N LYS C 94 12.79 0.67 -0.02
CA LYS C 94 13.94 -0.17 0.04
C LYS C 94 14.14 -0.95 -1.27
N ASP C 95 13.08 -1.01 -2.06
CA ASP C 95 13.04 -1.78 -3.30
C ASP C 95 13.49 -1.02 -4.57
N LEU C 96 13.75 0.29 -4.44
CA LEU C 96 14.30 1.05 -5.58
C LEU C 96 15.76 0.69 -5.85
N SER C 97 16.13 0.38 -7.10
CA SER C 97 17.53 0.03 -7.36
C SER C 97 18.44 1.22 -7.14
N SER C 98 19.74 1.00 -7.10
CA SER C 98 20.70 2.08 -7.01
C SER C 98 20.80 2.89 -8.29
N LYS C 99 20.54 2.26 -9.42
CA LYS C 99 20.57 2.97 -10.70
C LYS C 99 19.26 3.72 -10.92
N GLU C 100 18.21 3.27 -10.24
CA GLU C 100 16.90 3.82 -10.48
C GLU C 100 16.86 5.29 -10.15
N PHE C 101 17.49 5.62 -9.04
CA PHE C 101 17.53 6.98 -8.60
C PHE C 101 18.45 7.80 -9.46
N ARG C 102 19.50 7.18 -9.95
CA ARG C 102 20.49 7.92 -10.65
C ARG C 102 19.91 8.56 -11.89
N GLU C 103 19.05 7.83 -12.59
CA GLU C 103 18.42 8.34 -13.81
C GLU C 103 17.21 9.16 -13.49
N GLY C 104 17.02 9.40 -12.22
CA GLY C 104 15.83 9.86 -11.64
C GLY C 104 16.10 11.21 -11.23
N GLY C 105 17.11 11.33 -10.40
CA GLY C 105 17.66 12.61 -10.10
C GLY C 105 18.11 13.45 -11.26
N ARG C 106 18.59 12.86 -12.34
CA ARG C 106 18.98 13.65 -13.49
C ARG C 106 17.81 14.41 -14.02
N ILE C 107 16.70 13.74 -14.18
CA ILE C 107 15.50 14.39 -14.60
C ILE C 107 15.09 15.44 -13.63
N LEU C 108 15.34 15.18 -12.38
CA LEU C 108 14.98 16.14 -11.38
C LEU C 108 15.67 17.45 -11.60
N VAL C 109 16.96 17.40 -11.81
CA VAL C 109 17.70 18.60 -11.99
C VAL C 109 17.09 19.45 -13.07
N GLN C 110 16.78 18.82 -14.19
CA GLN C 110 16.24 19.54 -15.34
C GLN C 110 14.95 20.25 -14.99
N LYS C 111 14.10 19.58 -14.27
CA LYS C 111 12.92 20.20 -13.74
C LYS C 111 13.23 21.48 -12.94
N LEU C 112 14.08 21.35 -11.94
CA LEU C 112 14.50 22.48 -11.10
C LEU C 112 15.02 23.65 -11.93
N GLN C 113 15.95 23.32 -12.82
CA GLN C 113 16.47 24.23 -13.80
C GLN C 113 15.37 24.97 -14.52
N LYS C 114 14.44 24.28 -15.12
CA LYS C 114 13.32 24.95 -15.75
C LYS C 114 12.50 25.85 -14.84
N TYR C 115 12.30 25.42 -13.60
CA TYR C 115 11.23 26.00 -12.80
C TYR C 115 11.72 27.01 -11.80
N GLN C 116 12.98 26.86 -11.46
CA GLN C 116 13.67 27.78 -10.60
C GLN C 116 12.88 28.21 -9.38
N PRO C 117 12.61 27.26 -8.53
CA PRO C 117 11.98 27.53 -7.28
C PRO C 117 13.06 28.12 -6.38
N ARG C 118 12.73 28.94 -5.39
CA ARG C 118 13.76 29.38 -4.49
C ARG C 118 14.46 28.23 -3.83
N ILE C 119 13.71 27.27 -3.31
CA ILE C 119 14.28 26.24 -2.44
C ILE C 119 13.78 24.86 -2.85
N ALA C 120 14.68 23.90 -2.95
CA ALA C 120 14.26 22.54 -3.12
C ALA C 120 14.29 21.85 -1.76
N VAL C 121 13.18 21.25 -1.33
CA VAL C 121 13.16 20.58 -0.06
C VAL C 121 13.15 19.11 -0.24
N PHE C 122 14.20 18.46 0.20
CA PHE C 122 14.33 17.08 -0.04
C PHE C 122 13.79 16.37 1.12
N ASN C 123 12.69 15.68 0.91
CA ASN C 123 12.08 14.93 1.93
C ASN C 123 12.74 13.61 2.05
N GLY C 124 13.86 13.57 2.72
CA GLY C 124 14.44 12.37 3.12
C GLY C 124 15.83 12.40 2.83
N LYS C 125 16.63 12.08 3.80
CA LYS C 125 18.05 12.08 3.62
C LYS C 125 18.54 11.09 2.57
N CYS C 126 17.88 9.96 2.42
CA CYS C 126 18.35 8.99 1.41
C CYS C 126 18.37 9.56 -0.01
N ILE C 127 17.34 10.36 -0.28
CA ILE C 127 17.26 11.07 -1.52
C ILE C 127 18.57 11.83 -1.72
N TYR C 128 18.73 12.92 -0.98
CA TYR C 128 19.91 13.76 -1.08
C TYR C 128 21.22 13.01 -0.99
N GLU C 129 21.32 11.98 -0.18
CA GLU C 129 22.60 11.32 -0.02
C GLU C 129 23.12 10.81 -1.37
N ILE C 130 22.25 10.12 -2.11
CA ILE C 130 22.56 9.73 -3.49
C ILE C 130 22.63 10.94 -4.43
N PHE C 131 21.84 11.97 -4.16
CA PHE C 131 21.81 13.12 -5.04
C PHE C 131 23.16 13.83 -5.08
N SER C 132 23.74 14.03 -3.93
CA SER C 132 25.00 14.72 -3.82
C SER C 132 26.06 13.92 -4.49
N LYS C 133 26.09 12.65 -4.14
CA LYS C 133 26.99 11.72 -4.80
C LYS C 133 26.91 11.83 -6.31
N GLU C 134 25.72 11.86 -6.89
CA GLU C 134 25.68 11.72 -8.31
C GLU C 134 25.59 13.06 -9.02
N VAL C 135 24.78 13.99 -8.56
CA VAL C 135 24.76 15.29 -9.23
C VAL C 135 26.01 16.14 -8.93
N PHE C 136 26.42 16.25 -7.67
CA PHE C 136 27.62 17.03 -7.30
C PHE C 136 28.91 16.25 -7.44
N GLY C 137 28.85 15.00 -7.09
CA GLY C 137 29.98 14.15 -7.14
C GLY C 137 30.64 14.22 -5.85
N VAL C 138 29.85 14.32 -4.79
CA VAL C 138 30.43 14.31 -3.46
C VAL C 138 29.63 13.36 -2.57
N LYS C 139 30.35 12.40 -2.04
CA LYS C 139 29.94 11.67 -0.90
C LYS C 139 30.08 12.57 0.30
N VAL C 140 28.99 12.73 1.03
CA VAL C 140 28.93 13.74 2.06
C VAL C 140 29.14 13.08 3.41
N LYS C 141 29.87 13.77 4.26
CA LYS C 141 30.23 13.20 5.50
C LYS C 141 29.23 13.61 6.54
N ASN C 142 28.61 12.59 7.11
CA ASN C 142 27.83 12.72 8.29
C ASN C 142 26.76 13.77 8.12
N LEU C 143 25.91 13.59 7.12
CA LEU C 143 25.01 14.63 6.76
C LEU C 143 24.18 15.12 7.89
N GLU C 144 23.91 16.38 7.82
CA GLU C 144 23.10 17.07 8.76
C GLU C 144 21.94 17.59 8.01
N PHE C 145 20.80 17.60 8.62
CA PHE C 145 19.65 18.18 8.02
C PHE C 145 19.84 19.66 7.93
N GLY C 146 18.97 20.31 7.20
CA GLY C 146 18.98 21.72 7.00
C GLY C 146 19.76 22.04 5.78
N LEU C 147 20.32 23.21 5.70
CA LEU C 147 20.79 23.70 4.44
C LEU C 147 22.07 23.05 4.00
N GLN C 148 22.10 22.59 2.77
CA GLN C 148 23.33 22.16 2.14
C GLN C 148 23.95 23.29 1.33
N PRO C 149 25.27 23.44 1.19
CA PRO C 149 25.92 24.63 0.71
C PRO C 149 25.48 25.07 -0.67
N HIS C 150 25.19 24.05 -1.48
CA HIS C 150 25.28 24.16 -2.91
C HIS C 150 23.99 24.63 -3.53
N LYS C 151 24.10 25.04 -4.76
CA LYS C 151 22.98 25.43 -5.55
C LYS C 151 22.71 24.35 -6.59
N ILE C 152 21.47 24.28 -7.05
CA ILE C 152 21.18 23.62 -8.30
C ILE C 152 21.98 24.29 -9.42
N PRO C 153 22.74 23.63 -10.27
CA PRO C 153 23.77 24.19 -11.07
C PRO C 153 23.52 25.42 -11.87
N ASP C 154 22.40 25.68 -12.43
CA ASP C 154 22.33 26.83 -13.27
C ASP C 154 21.32 27.76 -12.71
N THR C 155 21.13 27.66 -11.39
CA THR C 155 20.02 28.37 -10.78
C THR C 155 20.37 28.76 -9.36
N GLU C 156 19.65 29.75 -8.87
CA GLU C 156 19.83 30.20 -7.51
C GLU C 156 18.82 29.49 -6.60
N THR C 157 18.90 28.16 -6.58
CA THR C 157 17.98 27.37 -5.82
C THR C 157 18.76 26.56 -4.87
N LEU C 158 18.33 26.66 -3.63
CA LEU C 158 19.03 26.15 -2.50
C LEU C 158 18.50 24.84 -2.04
N CYS C 159 19.34 23.88 -1.76
CA CYS C 159 18.86 22.62 -1.27
C CYS C 159 18.80 22.56 0.24
N TYR C 160 17.66 22.13 0.77
CA TYR C 160 17.50 21.88 2.19
C TYR C 160 17.02 20.42 2.40
N VAL C 161 17.59 19.71 3.35
CA VAL C 161 17.34 18.30 3.58
C VAL C 161 16.62 18.06 4.86
N MET C 162 15.64 17.20 4.81
CA MET C 162 14.69 17.04 5.87
C MET C 162 14.35 15.56 6.02
N PRO C 163 14.14 14.98 7.18
CA PRO C 163 13.84 13.58 7.30
C PRO C 163 12.53 13.27 6.61
N SER C 164 12.33 12.01 6.18
CA SER C 164 11.16 11.65 5.42
C SER C 164 9.90 11.98 6.16
N SER C 165 8.81 12.24 5.47
CA SER C 165 7.51 12.36 6.12
C SER C 165 6.93 11.03 6.56
N SER C 166 7.45 9.98 5.97
CA SER C 166 6.95 8.65 6.14
C SER C 166 7.13 8.31 7.55
N ALA C 167 6.15 7.69 8.16
CA ALA C 167 6.30 7.30 9.54
C ALA C 167 7.28 6.15 9.70
N ARG C 168 7.76 5.60 8.60
CA ARG C 168 8.63 4.46 8.71
C ARG C 168 9.93 4.77 9.40
N CYS C 169 10.54 5.93 9.17
CA CYS C 169 11.74 6.26 9.94
C CYS C 169 11.40 6.31 11.43
N ALA C 170 12.18 5.62 12.23
CA ALA C 170 11.87 5.46 13.63
C ALA C 170 12.33 6.63 14.50
N GLN C 171 13.46 7.20 14.11
CA GLN C 171 14.16 8.11 14.98
C GLN C 171 13.41 9.41 15.19
N PHE C 172 12.43 9.62 14.37
CA PHE C 172 11.61 10.77 14.49
C PHE C 172 10.18 10.32 14.75
N PRO C 173 9.78 9.92 15.95
CA PRO C 173 8.54 9.21 16.17
C PRO C 173 7.29 9.97 15.78
N ARG C 174 7.25 11.27 15.67
CA ARG C 174 5.96 11.93 15.58
C ARG C 174 6.07 13.19 14.82
N ALA C 175 4.94 13.72 14.44
CA ALA C 175 4.93 14.95 13.75
C ALA C 175 5.61 16.05 14.55
N GLN C 176 5.47 16.02 15.86
CA GLN C 176 6.16 16.97 16.69
C GLN C 176 7.68 16.85 16.55
N ASP C 177 8.16 15.71 16.12
CA ASP C 177 9.58 15.48 16.03
C ASP C 177 10.21 16.12 14.79
N LYS C 178 9.42 16.35 13.75
CA LYS C 178 9.96 16.82 12.51
C LYS C 178 9.48 18.20 12.20
N VAL C 179 8.59 18.71 13.02
CA VAL C 179 8.04 20.03 12.80
C VAL C 179 9.13 21.06 12.75
N HIS C 180 10.19 20.78 13.47
CA HIS C 180 11.28 21.70 13.65
C HIS C 180 11.89 22.10 12.32
N TYR C 181 12.12 21.13 11.46
CA TYR C 181 12.64 21.42 10.16
C TYR C 181 11.69 22.25 9.34
N TYR C 182 10.44 22.05 9.49
CA TYR C 182 9.52 22.81 8.73
C TYR C 182 9.54 24.24 9.18
N ILE C 183 9.68 24.47 10.46
CA ILE C 183 9.82 25.83 10.96
C ILE C 183 11.06 26.52 10.42
N LYS C 184 12.16 25.81 10.45
CA LYS C 184 13.38 26.32 9.88
C LYS C 184 13.22 26.66 8.40
N LEU C 185 12.58 25.80 7.65
CA LEU C 185 12.37 26.04 6.25
C LEU C 185 11.56 27.27 6.02
N LYS C 186 10.55 27.47 6.80
CA LYS C 186 9.81 28.68 6.65
C LYS C 186 10.68 29.88 6.91
N ASP C 187 11.52 29.79 7.91
CA ASP C 187 12.41 30.90 8.19
C ASP C 187 13.27 31.26 7.02
N LEU C 188 13.91 30.27 6.42
CA LEU C 188 14.72 30.52 5.25
C LEU C 188 13.92 31.17 4.17
N ARG C 189 12.71 30.70 4.00
CA ARG C 189 11.87 31.29 2.99
C ARG C 189 11.65 32.77 3.22
N ASP C 190 11.16 33.17 4.36
CA ASP C 190 10.88 34.59 4.49
C ASP C 190 12.08 35.42 4.85
N GLN C 191 13.21 34.76 5.09
CA GLN C 191 14.45 35.47 5.00
C GLN C 191 14.69 36.00 3.61
N LEU C 192 14.75 35.11 2.65
CA LEU C 192 15.05 35.49 1.27
C LEU C 192 14.00 36.45 0.63
N LYS C 193 12.76 36.06 0.84
CA LYS C 193 11.58 36.76 0.36
C LYS C 193 11.59 38.15 0.91
N GLY C 194 11.96 38.22 2.18
CA GLY C 194 12.04 39.46 2.82
C GLY C 194 13.10 40.35 2.24
N ILE C 195 14.34 39.87 1.91
CA ILE C 195 15.43 40.82 1.63
C ILE C 195 15.11 41.76 0.47
N GLU C 196 14.70 41.21 -0.68
CA GLU C 196 13.91 41.96 -1.66
C GLU C 196 13.86 43.48 -1.66
N THR D 16 -5.57 -6.24 -12.52
CA THR D 16 -6.07 -6.47 -11.19
C THR D 16 -5.77 -7.93 -10.87
N LEU D 17 -5.82 -8.29 -9.57
CA LEU D 17 -5.40 -9.59 -9.11
C LEU D 17 -6.15 -10.77 -9.78
N PRO D 18 -5.54 -11.87 -10.21
CA PRO D 18 -6.21 -12.97 -10.85
C PRO D 18 -6.83 -13.91 -9.81
N ASP D 19 -7.70 -14.79 -10.29
CA ASP D 19 -8.37 -15.72 -9.46
C ASP D 19 -7.64 -17.00 -9.18
N ILE D 20 -6.78 -17.47 -10.00
CA ILE D 20 -6.12 -18.75 -9.65
C ILE D 20 -7.09 -19.90 -9.21
N LEU D 21 -8.03 -20.29 -10.10
CA LEU D 21 -8.91 -21.41 -9.87
C LEU D 21 -8.72 -22.54 -10.92
N THR D 22 -8.80 -23.79 -10.48
CA THR D 22 -8.84 -24.99 -11.30
C THR D 22 -10.11 -25.79 -11.02
N PHE D 23 -10.56 -26.65 -11.94
CA PHE D 23 -11.81 -27.36 -11.68
C PHE D 23 -11.83 -28.24 -10.40
N ASN D 24 -10.87 -29.18 -10.26
CA ASN D 24 -10.90 -30.13 -9.14
C ASN D 24 -10.21 -29.62 -7.88
N LEU D 25 -10.82 -28.67 -7.19
CA LEU D 25 -10.16 -28.08 -6.05
C LEU D 25 -10.78 -28.55 -4.74
N ASP D 26 -9.97 -28.53 -3.69
CA ASP D 26 -10.45 -28.89 -2.40
C ASP D 26 -10.90 -27.65 -1.68
N ILE D 27 -10.03 -26.68 -1.64
CA ILE D 27 -10.23 -25.54 -0.81
C ILE D 27 -10.12 -24.31 -1.65
N VAL D 28 -11.07 -23.42 -1.56
CA VAL D 28 -11.00 -22.18 -2.25
C VAL D 28 -10.97 -21.04 -1.29
N ILE D 29 -9.94 -20.18 -1.30
CA ILE D 29 -9.78 -19.23 -0.21
C ILE D 29 -10.26 -17.87 -0.60
N ILE D 30 -11.14 -17.29 0.21
CA ILE D 30 -11.96 -16.22 -0.27
C ILE D 30 -11.83 -15.00 0.58
N GLY D 31 -11.12 -13.98 0.13
CA GLY D 31 -11.05 -12.71 0.80
C GLY D 31 -12.09 -11.78 0.44
N ILE D 32 -12.08 -10.58 0.95
CA ILE D 32 -13.04 -9.62 0.52
C ILE D 32 -12.85 -8.89 -0.79
N ASN D 33 -11.96 -7.89 -0.85
CA ASN D 33 -11.35 -7.34 -2.06
C ASN D 33 -9.89 -7.54 -2.00
N PRO D 34 -9.08 -7.54 -3.05
CA PRO D 34 -7.63 -7.49 -2.90
C PRO D 34 -7.21 -6.15 -2.29
N GLY D 35 -5.99 -6.09 -1.80
CA GLY D 35 -5.47 -4.93 -1.18
C GLY D 35 -4.37 -4.41 -1.96
N LEU D 36 -3.78 -3.30 -1.57
CA LEU D 36 -2.86 -2.64 -2.42
C LEU D 36 -1.67 -3.49 -2.63
N MET D 37 -1.09 -3.93 -1.56
CA MET D 37 0.07 -4.78 -1.65
C MET D 37 -0.11 -6.00 -2.54
N ALA D 38 -1.28 -6.63 -2.44
CA ALA D 38 -1.59 -7.84 -3.19
C ALA D 38 -1.69 -7.53 -4.65
N ALA D 39 -2.43 -6.46 -4.95
CA ALA D 39 -2.57 -6.02 -6.31
C ALA D 39 -1.25 -5.59 -6.95
N TYR D 40 -0.44 -4.86 -6.19
CA TYR D 40 0.84 -4.46 -6.69
C TYR D 40 1.76 -5.62 -6.90
N LYS D 41 1.77 -6.58 -5.99
CA LYS D 41 2.71 -7.62 -6.17
C LYS D 41 2.24 -8.58 -7.21
N GLY D 42 0.92 -8.61 -7.43
CA GLY D 42 0.38 -9.51 -8.39
C GLY D 42 0.16 -10.89 -7.85
N HIS D 43 0.24 -11.06 -6.55
CA HIS D 43 0.07 -12.36 -5.97
C HIS D 43 -0.72 -12.25 -4.69
N HIS D 44 -1.13 -13.42 -4.19
CA HIS D 44 -2.20 -13.48 -3.20
C HIS D 44 -1.63 -13.59 -1.80
N TYR D 45 -2.24 -12.85 -0.88
CA TYR D 45 -1.76 -12.81 0.50
C TYR D 45 -0.25 -12.58 0.64
N PRO D 46 0.33 -11.48 0.14
CA PRO D 46 1.76 -11.26 0.24
C PRO D 46 2.11 -10.50 1.52
N GLY D 47 3.17 -10.90 2.20
CA GLY D 47 3.51 -10.25 3.43
C GLY D 47 4.88 -9.62 3.47
N PRO D 48 5.90 -10.20 4.17
CA PRO D 48 5.88 -11.53 4.85
C PRO D 48 5.23 -11.44 6.24
N GLY D 49 4.45 -10.38 6.49
CA GLY D 49 3.67 -10.28 7.69
C GLY D 49 2.27 -10.79 7.51
N ASN D 50 2.10 -11.70 6.55
CA ASN D 50 0.87 -12.46 6.45
C ASN D 50 1.09 -13.85 6.95
N HIS D 51 0.20 -14.27 7.85
CA HIS D 51 0.36 -15.53 8.50
C HIS D 51 0.06 -16.66 7.55
N PHE D 52 -0.60 -16.32 6.46
CA PHE D 52 -1.26 -17.29 5.69
C PHE D 52 -0.31 -18.32 5.19
N TRP D 53 0.79 -17.93 4.66
CA TRP D 53 1.74 -18.91 4.18
C TRP D 53 2.36 -19.74 5.30
N LYS D 54 2.56 -19.12 6.47
CA LYS D 54 3.09 -19.86 7.61
C LYS D 54 2.10 -20.90 8.09
N CYS D 55 0.84 -20.50 8.18
CA CYS D 55 -0.22 -21.37 8.64
C CYS D 55 -0.38 -22.51 7.73
N LEU D 56 -0.27 -22.24 6.47
CA LEU D 56 -0.40 -23.26 5.52
C LEU D 56 0.66 -24.31 5.70
N PHE D 57 1.86 -23.90 5.92
CA PHE D 57 2.92 -24.86 6.06
C PHE D 57 2.88 -25.58 7.37
N MET D 58 2.55 -24.85 8.42
CA MET D 58 2.58 -25.42 9.75
C MET D 58 1.56 -26.55 9.91
N SER D 59 0.42 -26.39 9.26
CA SER D 59 -0.65 -27.31 9.43
C SER D 59 -0.64 -28.33 8.35
N GLY D 60 0.50 -28.64 7.83
CA GLY D 60 0.61 -29.80 7.03
C GLY D 60 -0.01 -29.66 5.69
N LEU D 61 -0.52 -28.47 5.34
CA LEU D 61 -1.23 -28.34 4.11
C LEU D 61 -0.23 -28.24 3.01
N SER D 62 0.78 -27.38 3.19
CA SER D 62 2.03 -27.57 2.50
C SER D 62 2.97 -28.24 3.40
N GLU D 63 4.06 -28.75 2.88
CA GLU D 63 4.97 -29.55 3.68
C GLU D 63 6.35 -28.92 3.72
N VAL D 64 6.59 -27.99 2.79
CA VAL D 64 7.64 -27.01 2.96
C VAL D 64 7.05 -25.62 2.90
N GLN D 65 7.64 -24.73 3.66
CA GLN D 65 7.22 -23.35 3.77
C GLN D 65 7.26 -22.59 2.44
N LEU D 66 6.10 -22.27 1.88
CA LEU D 66 6.05 -21.58 0.59
C LEU D 66 6.04 -20.07 0.81
N ASN D 67 5.97 -19.30 -0.26
CA ASN D 67 5.84 -17.88 -0.14
C ASN D 67 4.94 -17.39 -1.22
N HIS D 68 4.56 -16.12 -1.17
CA HIS D 68 3.41 -15.62 -1.90
C HIS D 68 3.52 -15.75 -3.38
N MET D 69 4.70 -15.82 -3.84
CA MET D 69 4.87 -15.90 -5.25
C MET D 69 4.57 -17.27 -5.77
N ASP D 70 4.41 -18.20 -4.86
CA ASP D 70 4.25 -19.56 -5.23
C ASP D 70 2.77 -19.92 -5.30
N ASP D 71 1.93 -18.91 -5.48
CA ASP D 71 0.51 -19.11 -5.39
C ASP D 71 -0.10 -19.64 -6.65
N HIS D 72 0.69 -19.80 -7.68
CA HIS D 72 0.18 -20.32 -8.90
C HIS D 72 0.38 -21.81 -8.96
N THR D 73 1.06 -22.38 -7.98
CA THR D 73 1.36 -23.79 -7.99
C THR D 73 0.48 -24.56 -7.02
N LEU D 74 -0.33 -23.78 -6.28
CA LEU D 74 -1.15 -24.33 -5.23
C LEU D 74 -2.33 -25.07 -5.79
N PRO D 75 -3.04 -24.69 -6.84
CA PRO D 75 -3.96 -25.64 -7.44
C PRO D 75 -3.25 -26.86 -8.02
N GLY D 76 -1.96 -26.84 -8.09
CA GLY D 76 -1.22 -27.86 -8.75
C GLY D 76 -1.15 -29.06 -7.96
N LYS D 77 -0.43 -29.01 -6.86
CA LYS D 77 -0.20 -30.18 -6.05
C LYS D 77 -0.94 -30.06 -4.74
N TYR D 78 -1.46 -28.89 -4.48
CA TYR D 78 -2.12 -28.67 -3.23
C TYR D 78 -3.63 -28.50 -3.36
N GLY D 79 -4.13 -28.30 -4.55
CA GLY D 79 -5.53 -28.13 -4.72
C GLY D 79 -6.15 -26.94 -4.04
N ILE D 80 -5.49 -25.79 -3.97
CA ILE D 80 -6.01 -24.60 -3.29
C ILE D 80 -6.08 -23.39 -4.21
N GLY D 81 -7.24 -22.79 -4.38
CA GLY D 81 -7.48 -21.71 -5.28
C GLY D 81 -7.77 -20.47 -4.58
N PHE D 82 -7.63 -19.28 -5.14
CA PHE D 82 -7.83 -18.05 -4.44
C PHE D 82 -8.95 -17.23 -5.01
N THR D 83 -9.71 -16.56 -4.26
CA THR D 83 -10.56 -15.62 -4.90
C THR D 83 -10.92 -14.60 -3.90
N ASN D 84 -11.68 -13.63 -4.28
CA ASN D 84 -12.19 -12.71 -3.34
C ASN D 84 -13.59 -12.36 -3.77
N MET D 85 -14.35 -11.85 -2.87
CA MET D 85 -15.69 -11.47 -3.15
C MET D 85 -15.89 -10.29 -4.06
N VAL D 86 -15.01 -9.30 -3.98
CA VAL D 86 -15.06 -8.16 -4.88
C VAL D 86 -13.72 -8.05 -5.48
N GLU D 87 -13.60 -8.06 -6.80
CA GLU D 87 -12.28 -7.95 -7.40
C GLU D 87 -11.76 -6.53 -7.54
N ARG D 88 -12.58 -5.53 -7.23
CA ARG D 88 -12.08 -4.19 -7.35
C ARG D 88 -11.15 -3.96 -6.22
N THR D 89 -9.98 -3.45 -6.53
CA THR D 89 -8.92 -3.28 -5.56
C THR D 89 -9.11 -1.99 -4.77
N THR D 90 -8.46 -1.92 -3.63
CA THR D 90 -8.80 -0.95 -2.61
C THR D 90 -7.90 -1.20 -1.44
N PRO D 91 -7.64 -0.21 -0.64
CA PRO D 91 -6.96 -0.43 0.59
C PRO D 91 -7.81 -1.20 1.59
N GLY D 92 -8.98 -0.65 1.92
CA GLY D 92 -9.82 -1.13 2.97
C GLY D 92 -11.14 -1.64 2.48
N SER D 93 -11.81 -2.40 3.34
CA SER D 93 -13.22 -2.74 3.18
C SER D 93 -14.12 -1.51 3.25
N LYS D 94 -13.90 -0.65 4.24
CA LYS D 94 -14.69 0.58 4.45
C LYS D 94 -15.04 1.38 3.17
N ASP D 95 -14.21 1.16 2.14
CA ASP D 95 -14.28 1.87 0.87
C ASP D 95 -15.37 1.36 -0.07
N LEU D 96 -16.32 0.61 0.45
CA LEU D 96 -17.12 -0.20 -0.43
C LEU D 96 -18.60 -0.04 -0.14
N SER D 97 -19.33 0.43 -1.16
CA SER D 97 -20.78 0.39 -1.12
C SER D 97 -21.24 -1.05 -1.02
N SER D 98 -22.30 -1.23 -0.26
CA SER D 98 -22.94 -2.49 -0.15
C SER D 98 -23.38 -3.00 -1.50
N LYS D 99 -23.65 -2.07 -2.42
CA LYS D 99 -24.07 -2.44 -3.74
C LYS D 99 -23.01 -3.22 -4.47
N GLU D 100 -21.76 -2.92 -4.15
CA GLU D 100 -20.66 -3.59 -4.81
C GLU D 100 -20.48 -4.95 -4.26
N PHE D 101 -20.93 -5.11 -3.03
CA PHE D 101 -20.99 -6.40 -2.44
C PHE D 101 -22.11 -7.20 -3.02
N ARG D 102 -23.25 -6.56 -3.21
CA ARG D 102 -24.42 -7.27 -3.67
C ARG D 102 -24.16 -7.86 -5.02
N GLU D 103 -23.63 -7.03 -5.89
CA GLU D 103 -23.17 -7.54 -7.13
C GLU D 103 -22.01 -8.48 -6.92
N GLY D 104 -21.26 -8.22 -5.87
CA GLY D 104 -20.11 -9.03 -5.58
C GLY D 104 -20.46 -10.44 -5.32
N GLY D 105 -21.52 -10.61 -4.55
CA GLY D 105 -21.96 -11.90 -4.18
C GLY D 105 -22.44 -12.78 -5.26
N ARG D 106 -23.25 -12.24 -6.16
CA ARG D 106 -23.76 -13.07 -7.24
C ARG D 106 -22.65 -13.68 -8.09
N ILE D 107 -21.67 -12.84 -8.41
CA ILE D 107 -20.59 -13.22 -9.27
C ILE D 107 -19.81 -14.35 -8.65
N LEU D 108 -19.63 -14.24 -7.36
CA LEU D 108 -18.82 -15.19 -6.65
C LEU D 108 -19.43 -16.54 -6.71
N VAL D 109 -20.70 -16.54 -6.42
CA VAL D 109 -21.48 -17.74 -6.38
C VAL D 109 -21.41 -18.47 -7.68
N GLN D 110 -21.48 -17.72 -8.76
CA GLN D 110 -21.37 -18.28 -10.08
C GLN D 110 -20.12 -19.09 -10.27
N LYS D 111 -19.01 -18.54 -9.86
CA LYS D 111 -17.77 -19.22 -10.12
C LYS D 111 -17.70 -20.48 -9.30
N LEU D 112 -18.21 -20.40 -8.06
CA LEU D 112 -18.24 -21.57 -7.17
C LEU D 112 -19.05 -22.70 -7.76
N GLN D 113 -20.22 -22.32 -8.26
CA GLN D 113 -21.07 -23.19 -9.02
C GLN D 113 -20.30 -23.78 -10.18
N LYS D 114 -19.53 -22.96 -10.85
CA LYS D 114 -18.81 -23.45 -11.98
C LYS D 114 -17.63 -24.33 -11.59
N TYR D 115 -16.79 -23.87 -10.70
CA TYR D 115 -15.55 -24.60 -10.45
C TYR D 115 -15.74 -25.80 -9.58
N GLN D 116 -16.68 -25.66 -8.65
CA GLN D 116 -17.08 -26.73 -7.76
C GLN D 116 -15.95 -27.34 -6.94
N PRO D 117 -15.39 -26.55 -6.02
CA PRO D 117 -14.41 -26.99 -5.06
C PRO D 117 -15.12 -27.71 -3.92
N ARG D 118 -14.48 -28.62 -3.20
CA ARG D 118 -15.11 -29.19 -2.02
C ARG D 118 -15.57 -28.17 -0.99
N ILE D 119 -14.75 -27.17 -0.71
CA ILE D 119 -14.96 -26.32 0.44
C ILE D 119 -14.61 -24.91 0.08
N ALA D 120 -15.46 -23.98 0.45
CA ALA D 120 -15.14 -22.61 0.33
C ALA D 120 -14.68 -22.11 1.66
N VAL D 121 -13.52 -21.47 1.78
CA VAL D 121 -13.07 -21.02 3.07
C VAL D 121 -13.03 -19.53 3.15
N PHE D 122 -13.76 -19.01 4.10
CA PHE D 122 -13.96 -17.61 4.30
C PHE D 122 -12.93 -17.05 5.23
N ASN D 123 -12.26 -15.99 4.77
CA ASN D 123 -11.02 -15.50 5.35
C ASN D 123 -11.26 -14.55 6.48
N GLY D 124 -12.46 -14.48 6.98
CA GLY D 124 -12.68 -13.61 8.08
C GLY D 124 -13.92 -14.04 8.70
N LYS D 125 -14.38 -13.49 9.79
CA LYS D 125 -15.75 -13.73 10.09
C LYS D 125 -16.50 -12.73 9.25
N CYS D 126 -15.83 -11.64 8.94
CA CYS D 126 -16.47 -10.51 8.30
C CYS D 126 -17.02 -10.86 6.96
N ILE D 127 -16.23 -11.50 6.14
CA ILE D 127 -16.75 -11.82 4.86
C ILE D 127 -18.02 -12.66 4.97
N TYR D 128 -17.95 -13.73 5.74
CA TYR D 128 -19.08 -14.58 5.89
C TYR D 128 -20.26 -13.83 6.43
N GLU D 129 -20.04 -13.03 7.44
CA GLU D 129 -21.10 -12.31 8.10
C GLU D 129 -22.00 -11.60 7.10
N ILE D 130 -21.40 -11.11 6.01
CA ILE D 130 -22.18 -10.40 4.99
C ILE D 130 -22.52 -11.32 3.81
N PHE D 131 -21.66 -12.29 3.53
CA PHE D 131 -22.08 -13.33 2.61
C PHE D 131 -23.42 -13.92 2.97
N SER D 132 -23.66 -14.10 4.25
CA SER D 132 -24.92 -14.62 4.68
C SER D 132 -26.11 -13.77 4.23
N LYS D 133 -26.10 -12.51 4.58
CA LYS D 133 -27.26 -11.67 4.34
C LYS D 133 -27.36 -11.26 2.89
N GLU D 134 -26.26 -11.31 2.17
CA GLU D 134 -26.42 -11.24 0.76
C GLU D 134 -27.05 -12.50 0.16
N VAL D 135 -26.55 -13.65 0.54
CA VAL D 135 -26.87 -14.86 -0.18
C VAL D 135 -28.09 -15.59 0.32
N PHE D 136 -28.13 -15.74 1.63
CA PHE D 136 -29.11 -16.57 2.29
C PHE D 136 -30.06 -15.68 3.04
N GLY D 137 -29.76 -14.41 2.99
CA GLY D 137 -30.59 -13.37 3.50
C GLY D 137 -30.91 -13.48 4.93
N VAL D 138 -30.01 -14.12 5.67
CA VAL D 138 -30.16 -14.13 7.09
C VAL D 138 -28.96 -13.41 7.72
N LYS D 139 -29.04 -13.18 9.03
CA LYS D 139 -27.90 -12.83 9.85
C LYS D 139 -27.56 -14.07 10.61
N VAL D 140 -26.31 -14.37 10.86
CA VAL D 140 -26.02 -15.63 11.49
C VAL D 140 -25.50 -15.37 12.87
N LYS D 141 -26.49 -15.81 13.95
CA LYS D 141 -26.32 -15.27 15.29
C LYS D 141 -25.22 -16.01 16.02
N ASN D 142 -24.54 -15.19 16.93
CA ASN D 142 -23.40 -15.86 17.50
C ASN D 142 -22.56 -17.02 16.94
N LEU D 143 -22.05 -16.36 15.62
CA LEU D 143 -21.24 -17.15 14.72
C LEU D 143 -19.98 -17.66 15.41
N GLU D 144 -19.70 -18.93 15.28
CA GLU D 144 -18.40 -19.46 15.56
C GLU D 144 -17.74 -19.95 14.31
N PHE D 145 -16.43 -20.03 14.36
CA PHE D 145 -15.63 -20.49 13.27
C PHE D 145 -15.85 -21.96 13.09
N GLY D 146 -15.51 -22.44 11.92
CA GLY D 146 -15.45 -23.82 11.58
C GLY D 146 -16.42 -24.09 10.49
N LEU D 147 -16.91 -25.29 10.37
CA LEU D 147 -17.89 -25.64 9.38
C LEU D 147 -19.25 -25.05 9.64
N GLN D 148 -19.83 -24.36 8.65
CA GLN D 148 -21.15 -23.78 8.79
C GLN D 148 -22.21 -24.65 8.12
N PRO D 149 -23.51 -24.53 8.41
CA PRO D 149 -24.48 -25.57 8.12
C PRO D 149 -24.78 -25.70 6.65
N HIS D 150 -24.84 -24.54 5.98
CA HIS D 150 -25.32 -24.50 4.61
C HIS D 150 -24.23 -24.83 3.61
N LYS D 151 -24.65 -25.18 2.40
CA LYS D 151 -23.78 -25.41 1.28
C LYS D 151 -23.97 -24.30 0.31
N ILE D 152 -23.07 -24.19 -0.62
CA ILE D 152 -23.20 -23.15 -1.60
C ILE D 152 -24.43 -23.44 -2.44
N PRO D 153 -25.30 -22.47 -2.74
CA PRO D 153 -26.55 -22.68 -3.40
C PRO D 153 -26.42 -23.57 -4.60
N ASP D 154 -27.25 -24.58 -4.69
CA ASP D 154 -27.20 -25.49 -5.78
C ASP D 154 -25.86 -26.22 -5.88
N THR D 155 -25.17 -26.36 -4.75
CA THR D 155 -23.87 -27.04 -4.76
C THR D 155 -23.67 -27.94 -3.58
N GLU D 156 -22.69 -28.82 -3.69
CA GLU D 156 -22.27 -29.64 -2.57
C GLU D 156 -21.03 -29.10 -1.89
N THR D 157 -20.67 -27.88 -2.26
CA THR D 157 -19.54 -27.16 -1.66
C THR D 157 -19.92 -26.67 -0.29
N LEU D 158 -19.05 -26.87 0.68
CA LEU D 158 -19.37 -26.48 2.02
C LEU D 158 -18.85 -25.10 2.30
N CYS D 159 -19.21 -24.53 3.40
CA CYS D 159 -18.65 -23.29 3.84
C CYS D 159 -17.87 -23.50 5.10
N TYR D 160 -16.60 -23.12 5.13
CA TYR D 160 -15.83 -23.15 6.35
C TYR D 160 -15.35 -21.74 6.65
N VAL D 161 -15.60 -21.21 7.81
CA VAL D 161 -15.14 -19.90 8.12
C VAL D 161 -13.99 -20.02 9.06
N MET D 162 -12.82 -19.48 8.71
CA MET D 162 -11.76 -19.48 9.66
C MET D 162 -11.18 -18.12 9.83
N PRO D 163 -10.46 -17.86 10.89
CA PRO D 163 -10.19 -16.50 11.27
C PRO D 163 -9.20 -15.87 10.30
N SER D 164 -8.90 -14.57 10.47
CA SER D 164 -8.21 -13.85 9.44
C SER D 164 -6.78 -14.26 9.42
N SER D 165 -6.11 -13.97 8.33
CA SER D 165 -4.72 -14.34 8.15
C SER D 165 -3.86 -13.25 8.68
N SER D 166 -4.52 -12.14 9.00
CA SER D 166 -3.87 -10.93 9.34
C SER D 166 -3.79 -10.76 10.86
N ALA D 167 -4.52 -11.62 11.56
CA ALA D 167 -4.66 -11.60 13.04
C ALA D 167 -4.59 -10.23 13.69
N LYS D 178 -5.73 -20.77 15.95
CA LYS D 178 -5.84 -20.39 14.54
C LYS D 178 -5.16 -21.42 13.70
N VAL D 179 -3.93 -21.74 13.99
CA VAL D 179 -3.30 -22.84 13.30
C VAL D 179 -4.12 -24.10 13.47
N HIS D 180 -4.86 -24.18 14.57
CA HIS D 180 -5.66 -25.35 14.80
C HIS D 180 -6.70 -25.52 13.71
N TYR D 181 -7.40 -24.43 13.39
CA TYR D 181 -8.43 -24.47 12.40
C TYR D 181 -7.87 -24.84 11.06
N TYR D 182 -6.65 -24.47 10.78
CA TYR D 182 -6.07 -24.93 9.57
C TYR D 182 -5.97 -26.42 9.55
N ILE D 183 -5.54 -27.01 10.65
CA ILE D 183 -5.49 -28.44 10.70
C ILE D 183 -6.86 -29.07 10.61
N LYS D 184 -7.83 -28.47 11.25
CA LYS D 184 -9.19 -28.95 11.10
C LYS D 184 -9.62 -28.99 9.67
N LEU D 185 -9.35 -27.92 8.95
CA LEU D 185 -9.68 -27.85 7.57
C LEU D 185 -8.94 -28.85 6.76
N LYS D 186 -7.72 -29.11 7.11
CA LYS D 186 -7.05 -30.16 6.44
C LYS D 186 -7.79 -31.46 6.61
N ASP D 187 -8.17 -31.74 7.86
CA ASP D 187 -8.84 -32.99 8.17
C ASP D 187 -10.15 -33.13 7.51
N LEU D 188 -10.90 -32.07 7.49
CA LEU D 188 -12.18 -32.10 6.86
C LEU D 188 -12.00 -32.41 5.41
N ARG D 189 -10.95 -31.85 4.84
CA ARG D 189 -10.65 -32.18 3.49
C ARG D 189 -10.33 -33.66 3.36
N ASP D 190 -9.56 -34.17 4.28
CA ASP D 190 -9.25 -35.58 4.23
C ASP D 190 -10.50 -36.46 4.35
N GLN D 191 -11.45 -36.06 5.18
CA GLN D 191 -12.68 -36.82 5.26
C GLN D 191 -13.42 -36.83 3.95
N LEU D 192 -13.57 -35.66 3.35
CA LEU D 192 -14.31 -35.56 2.13
C LEU D 192 -13.71 -36.41 1.04
N LYS D 193 -12.39 -36.36 0.93
CA LYS D 193 -11.68 -37.22 0.02
C LYS D 193 -11.97 -38.66 0.33
N GLY D 194 -11.86 -38.98 1.59
CA GLY D 194 -12.05 -40.32 2.05
C GLY D 194 -13.41 -40.93 1.76
N ILE D 195 -14.54 -40.24 1.94
CA ILE D 195 -15.82 -40.88 1.71
C ILE D 195 -15.99 -41.43 0.30
N GLU D 196 -15.59 -40.64 -0.68
CA GLU D 196 -15.79 -41.02 -2.07
C GLU D 196 -15.02 -42.24 -2.49
N ARG D 197 -13.76 -42.30 -2.04
CA ARG D 197 -12.78 -43.29 -2.53
C ARG D 197 -13.34 -44.71 -2.80
#